data_5KBC
#
_entry.id   5KBC
#
_cell.length_a   92.251
_cell.length_b   98.131
_cell.length_c   44.789
_cell.angle_alpha   90.000
_cell.angle_beta   90.000
_cell.angle_gamma   90.000
#
_symmetry.space_group_name_H-M   'P 21 21 2'
#
loop_
_entity.id
_entity.type
_entity.pdbx_description
1 polymer DsbA
2 water water
#
_entity_poly.entity_id   1
_entity_poly.type   'polypeptide(L)'
_entity_poly.pdbx_seq_one_letter_code
;SNAIMPPKTHIPTTAKYFPTIGDPYAPINITVFEEPSCSACEEFSSEVFPLIKKHFVDTGEASLTLVPVCFIRGSMPAAQ
ALLCVYHHDPKRPDPEAYMEYFHRILTYKKTKGSHWATPEVLAKLAEKIPTHSGREINPKGLIQCINSQRFTEQLKKNNI
YGSQIMGGQLATPTAVVGDYLIEDPTFDEIERVITQLRHLQAI
;
_entity_poly.pdbx_strand_id   A,B
#
# COMPACT_ATOMS: atom_id res chain seq x y z
N PRO A 6 -20.40 10.23 10.67
CA PRO A 6 -19.51 11.28 10.15
C PRO A 6 -18.09 11.12 10.70
N PRO A 7 -17.40 10.05 10.28
CA PRO A 7 -16.02 9.81 10.71
C PRO A 7 -15.05 10.81 10.12
N LYS A 8 -13.76 10.55 10.29
CA LYS A 8 -12.72 11.46 9.82
C LYS A 8 -12.73 11.58 8.30
N THR A 9 -11.90 12.49 7.79
CA THR A 9 -11.73 12.66 6.35
C THR A 9 -10.89 11.54 5.75
N HIS A 10 -10.96 11.36 4.44
CA HIS A 10 -10.32 10.24 3.76
C HIS A 10 -8.88 10.53 3.31
N ILE A 11 -8.27 9.52 2.69
CA ILE A 11 -6.91 9.65 2.15
C ILE A 11 -6.78 8.98 0.79
N PRO A 12 -5.86 9.50 -0.04
CA PRO A 12 -5.23 8.64 -1.05
C PRO A 12 -4.52 7.47 -0.37
N THR A 13 -4.68 6.27 -0.90
CA THR A 13 -4.45 5.02 -0.15
C THR A 13 -3.03 4.72 0.29
N THR A 14 -2.92 3.96 1.39
CA THR A 14 -1.64 3.54 1.95
C THR A 14 -1.21 2.19 1.41
N ALA A 15 -2.19 1.29 1.24
CA ALA A 15 -1.91 -0.04 0.70
C ALA A 15 -2.83 -0.33 -0.49
N LYS A 16 -2.71 -1.50 -1.09
CA LYS A 16 -3.47 -1.79 -2.29
C LYS A 16 -4.91 -2.17 -1.97
N TYR A 17 -5.73 -1.16 -1.69
CA TYR A 17 -7.18 -1.38 -1.56
C TYR A 17 -8.09 -1.82 -2.72
N PHE A 18 -7.52 -1.88 -3.93
CA PHE A 18 -8.28 -2.14 -5.14
C PHE A 18 -8.73 -3.60 -5.19
N PRO A 19 -9.65 -3.93 -6.11
CA PRO A 19 -10.20 -5.29 -6.24
C PRO A 19 -9.14 -6.38 -6.10
N THR A 20 -9.40 -7.32 -5.19
CA THR A 20 -8.44 -8.38 -4.88
C THR A 20 -9.14 -9.72 -4.78
N ILE A 21 -8.55 -10.74 -5.40
CA ILE A 21 -9.08 -12.10 -5.28
C ILE A 21 -8.05 -12.99 -4.58
N GLY A 22 -8.49 -14.17 -4.15
CA GLY A 22 -7.63 -15.09 -3.43
C GLY A 22 -7.67 -14.85 -1.94
N ASP A 23 -6.81 -15.54 -1.20
CA ASP A 23 -6.78 -15.43 0.25
C ASP A 23 -6.07 -14.15 0.69
N PRO A 24 -6.66 -13.41 1.65
CA PRO A 24 -5.98 -12.25 2.23
C PRO A 24 -4.81 -12.69 3.11
N TYR A 25 -4.84 -13.93 3.57
CA TYR A 25 -3.81 -14.45 4.47
C TYR A 25 -2.69 -15.17 3.70
N ALA A 26 -2.75 -15.12 2.37
CA ALA A 26 -1.66 -15.66 1.55
C ALA A 26 -0.41 -14.84 1.81
N PRO A 27 0.74 -15.52 1.97
CA PRO A 27 1.99 -14.85 2.31
C PRO A 27 2.47 -13.90 1.22
N ILE A 28 2.16 -14.23 -0.03
CA ILE A 28 2.59 -13.42 -1.16
C ILE A 28 1.42 -12.68 -1.79
N ASN A 29 1.67 -11.44 -2.20
CA ASN A 29 0.66 -10.65 -2.89
C ASN A 29 1.15 -10.19 -4.26
N ILE A 30 0.25 -10.22 -5.24
CA ILE A 30 0.57 -9.76 -6.59
C ILE A 30 -0.35 -8.61 -6.95
N THR A 31 0.23 -7.44 -7.19
CA THR A 31 -0.55 -6.25 -7.54
C THR A 31 -0.24 -5.83 -8.97
N VAL A 32 -1.26 -5.88 -9.83
CA VAL A 32 -1.11 -5.57 -11.23
C VAL A 32 -1.79 -4.24 -11.57
N PHE A 33 -1.07 -3.38 -12.27
CA PHE A 33 -1.65 -2.14 -12.78
C PHE A 33 -1.92 -2.30 -14.26
N GLU A 34 -3.10 -1.87 -14.70
CA GLU A 34 -3.46 -1.97 -16.11
C GLU A 34 -4.32 -0.81 -16.58
N GLU A 35 -4.15 -0.44 -17.85
CA GLU A 35 -4.90 0.63 -18.48
C GLU A 35 -5.89 0.03 -19.48
N PRO A 36 -7.16 0.47 -19.41
CA PRO A 36 -8.23 -0.08 -20.26
C PRO A 36 -7.88 -0.21 -21.75
N SER A 37 -7.14 0.75 -22.29
CA SER A 37 -6.83 0.77 -23.72
C SER A 37 -5.37 0.41 -24.04
N CYS A 38 -4.66 -0.19 -23.10
CA CYS A 38 -3.26 -0.57 -23.31
C CYS A 38 -3.15 -1.79 -24.20
N SER A 39 -2.51 -1.64 -25.36
CA SER A 39 -2.38 -2.71 -26.34
C SER A 39 -1.57 -3.91 -25.84
N ALA A 40 -0.55 -3.64 -25.02
CA ALA A 40 0.30 -4.72 -24.50
C ALA A 40 -0.44 -5.54 -23.46
N CYS A 41 -1.41 -4.92 -22.80
CA CYS A 41 -2.15 -5.56 -21.71
C CYS A 41 -3.06 -6.68 -22.22
N GLU A 42 -3.32 -6.68 -23.52
CA GLU A 42 -4.18 -7.68 -24.13
C GLU A 42 -3.60 -9.09 -24.01
N GLU A 43 -2.34 -9.24 -24.39
CA GLU A 43 -1.68 -10.53 -24.32
C GLU A 43 -1.55 -10.99 -22.87
N PHE A 44 -1.26 -10.04 -21.99
CA PHE A 44 -1.09 -10.35 -20.57
C PHE A 44 -2.34 -10.98 -19.99
N SER A 45 -3.47 -10.32 -20.19
CA SER A 45 -4.74 -10.78 -19.63
C SER A 45 -5.25 -12.04 -20.35
N SER A 46 -4.85 -12.19 -21.61
CA SER A 46 -5.25 -13.36 -22.39
C SER A 46 -4.48 -14.61 -22.00
N GLU A 47 -3.17 -14.46 -21.79
CA GLU A 47 -2.30 -15.61 -21.56
C GLU A 47 -1.71 -15.67 -20.15
N VAL A 48 -1.12 -14.57 -19.71
CA VAL A 48 -0.41 -14.56 -18.43
C VAL A 48 -1.35 -14.57 -17.23
N PHE A 49 -2.20 -13.55 -17.14
CA PHE A 49 -3.05 -13.35 -15.97
C PHE A 49 -3.82 -14.62 -15.57
N PRO A 50 -4.47 -15.28 -16.53
CA PRO A 50 -5.23 -16.49 -16.19
C PRO A 50 -4.37 -17.56 -15.54
N LEU A 51 -3.12 -17.69 -15.99
CA LEU A 51 -2.21 -18.66 -15.43
C LEU A 51 -1.81 -18.29 -14.01
N ILE A 52 -1.78 -16.99 -13.73
CA ILE A 52 -1.48 -16.53 -12.38
C ILE A 52 -2.56 -17.01 -11.42
N LYS A 53 -3.82 -16.86 -11.83
CA LYS A 53 -4.93 -17.32 -11.02
C LYS A 53 -4.77 -18.79 -10.65
N LYS A 54 -4.73 -19.63 -11.67
CA LYS A 54 -4.69 -21.07 -11.48
C LYS A 54 -3.55 -21.51 -10.58
N HIS A 55 -2.32 -21.14 -10.94
CA HIS A 55 -1.14 -21.68 -10.30
C HIS A 55 -0.81 -21.09 -8.94
N PHE A 56 -1.15 -19.81 -8.74
CA PHE A 56 -0.76 -19.13 -7.51
C PHE A 56 -1.94 -18.67 -6.65
N VAL A 57 -2.94 -18.08 -7.27
CA VAL A 57 -4.08 -17.54 -6.52
C VAL A 57 -5.00 -18.63 -5.99
N ASP A 58 -5.31 -19.61 -6.84
CA ASP A 58 -6.21 -20.69 -6.46
C ASP A 58 -5.54 -21.70 -5.53
N THR A 59 -4.22 -21.79 -5.61
CA THR A 59 -3.46 -22.72 -4.78
C THR A 59 -3.31 -22.19 -3.36
N GLY A 60 -3.69 -20.93 -3.16
CA GLY A 60 -3.62 -20.31 -1.84
C GLY A 60 -2.24 -19.74 -1.54
N GLU A 61 -1.38 -19.75 -2.55
CA GLU A 61 -0.01 -19.27 -2.38
C GLU A 61 0.07 -17.74 -2.43
N ALA A 62 -0.81 -17.13 -3.21
CA ALA A 62 -0.73 -15.69 -3.45
C ALA A 62 -2.07 -14.98 -3.45
N SER A 63 -2.02 -13.66 -3.30
CA SER A 63 -3.18 -12.80 -3.48
C SER A 63 -3.01 -12.07 -4.81
N LEU A 64 -4.11 -11.66 -5.42
CA LEU A 64 -4.04 -11.00 -6.72
C LEU A 64 -4.91 -9.74 -6.78
N THR A 65 -4.25 -8.60 -6.96
CA THR A 65 -4.93 -7.31 -6.97
C THR A 65 -4.78 -6.62 -8.33
N LEU A 66 -5.90 -6.21 -8.92
CA LEU A 66 -5.87 -5.56 -10.23
C LEU A 66 -6.30 -4.10 -10.14
N VAL A 67 -5.36 -3.20 -10.39
CA VAL A 67 -5.59 -1.77 -10.27
C VAL A 67 -5.80 -1.13 -11.64
N PRO A 68 -6.87 -0.33 -11.78
CA PRO A 68 -7.15 0.35 -13.05
C PRO A 68 -6.56 1.75 -13.07
N VAL A 69 -5.83 2.08 -14.12
CA VAL A 69 -5.29 3.41 -14.32
C VAL A 69 -5.79 3.97 -15.65
N CYS A 70 -5.78 5.30 -15.78
CA CYS A 70 -6.30 5.96 -16.97
C CYS A 70 -5.40 7.11 -17.41
N PHE A 71 -4.75 6.95 -18.56
CA PHE A 71 -3.84 7.96 -19.09
C PHE A 71 -4.18 8.33 -20.54
N ILE A 72 -4.65 7.35 -21.30
CA ILE A 72 -4.81 7.53 -22.73
C ILE A 72 -6.28 7.79 -23.11
N ARG A 73 -6.48 8.80 -23.93
CA ARG A 73 -7.80 9.28 -24.32
C ARG A 73 -8.77 8.16 -24.65
N GLY A 74 -9.98 8.25 -24.11
CA GLY A 74 -11.02 7.30 -24.43
C GLY A 74 -11.12 6.13 -23.47
N SER A 75 -10.35 6.17 -22.38
CA SER A 75 -10.33 5.09 -21.42
C SER A 75 -11.14 5.41 -20.17
N MET A 76 -11.48 6.69 -19.99
CA MET A 76 -12.24 7.11 -18.82
C MET A 76 -13.58 6.39 -18.71
N PRO A 77 -14.32 6.27 -19.84
CA PRO A 77 -15.59 5.54 -19.80
C PRO A 77 -15.43 4.09 -19.33
N ALA A 78 -14.36 3.44 -19.77
CA ALA A 78 -14.11 2.04 -19.40
C ALA A 78 -13.67 1.94 -17.95
N ALA A 79 -12.91 2.93 -17.49
CA ALA A 79 -12.45 2.97 -16.11
C ALA A 79 -13.63 3.10 -15.17
N GLN A 80 -14.53 4.03 -15.48
CA GLN A 80 -15.74 4.23 -14.70
C GLN A 80 -16.58 2.96 -14.68
N ALA A 81 -16.71 2.33 -15.85
CA ALA A 81 -17.52 1.12 -15.97
C ALA A 81 -17.00 0.01 -15.07
N LEU A 82 -15.68 -0.09 -14.96
CA LEU A 82 -15.06 -1.11 -14.14
C LEU A 82 -15.47 -0.97 -12.67
N LEU A 83 -15.23 0.21 -12.11
CA LEU A 83 -15.59 0.46 -10.72
C LEU A 83 -17.10 0.41 -10.52
N CYS A 84 -17.85 0.85 -11.53
CA CYS A 84 -19.31 0.77 -11.49
C CYS A 84 -19.74 -0.67 -11.29
N VAL A 85 -19.22 -1.55 -12.14
CA VAL A 85 -19.49 -2.98 -12.05
C VAL A 85 -18.98 -3.54 -10.71
N TYR A 86 -17.77 -3.16 -10.34
CA TYR A 86 -17.17 -3.60 -9.09
C TYR A 86 -18.08 -3.30 -7.90
N HIS A 87 -18.83 -2.21 -8.00
CA HIS A 87 -19.70 -1.77 -6.91
C HIS A 87 -21.18 -1.98 -7.22
N HIS A 88 -21.49 -2.95 -8.06
CA HIS A 88 -22.88 -3.16 -8.50
C HIS A 88 -23.78 -3.61 -7.35
N ASP A 89 -23.20 -4.26 -6.35
CA ASP A 89 -23.94 -4.75 -5.20
C ASP A 89 -23.50 -4.02 -3.93
N PRO A 90 -24.42 -3.32 -3.25
CA PRO A 90 -24.09 -2.51 -2.08
C PRO A 90 -23.49 -3.34 -0.93
N LYS A 91 -24.05 -4.52 -0.68
CA LYS A 91 -23.61 -5.36 0.44
C LYS A 91 -22.09 -5.57 0.41
N ARG A 92 -21.62 -6.26 -0.61
CA ARG A 92 -20.20 -6.54 -0.74
C ARG A 92 -19.75 -6.43 -2.20
N PRO A 93 -18.63 -5.73 -2.43
CA PRO A 93 -18.07 -5.63 -3.78
C PRO A 93 -17.48 -6.96 -4.24
N ASP A 94 -17.61 -7.27 -5.53
CA ASP A 94 -17.00 -8.50 -6.06
C ASP A 94 -15.93 -8.17 -7.11
N PRO A 95 -14.67 -8.49 -6.78
CA PRO A 95 -13.56 -8.36 -7.73
C PRO A 95 -13.73 -9.31 -8.91
N GLU A 96 -14.21 -10.52 -8.63
CA GLU A 96 -14.36 -11.55 -9.64
C GLU A 96 -15.14 -11.06 -10.85
N ALA A 97 -16.24 -10.34 -10.59
CA ALA A 97 -17.02 -9.75 -11.67
C ALA A 97 -16.20 -8.66 -12.36
N TYR A 98 -15.54 -7.85 -11.55
CA TYR A 98 -14.77 -6.72 -12.03
C TYR A 98 -13.57 -7.13 -12.90
N MET A 99 -12.91 -8.21 -12.53
CA MET A 99 -11.73 -8.67 -13.27
C MET A 99 -12.14 -9.30 -14.60
N GLU A 100 -13.23 -10.04 -14.60
CA GLU A 100 -13.77 -10.60 -15.83
C GLU A 100 -14.16 -9.45 -16.75
N TYR A 101 -14.86 -8.46 -16.20
CA TYR A 101 -15.26 -7.29 -16.97
C TYR A 101 -14.04 -6.57 -17.53
N PHE A 102 -12.98 -6.50 -16.72
CA PHE A 102 -11.74 -5.88 -17.15
C PHE A 102 -11.10 -6.70 -18.27
N HIS A 103 -11.11 -8.02 -18.10
CA HIS A 103 -10.55 -8.93 -19.09
C HIS A 103 -11.24 -8.74 -20.44
N ARG A 104 -12.56 -8.65 -20.43
CA ARG A 104 -13.32 -8.44 -21.65
C ARG A 104 -12.96 -7.09 -22.28
N ILE A 105 -12.60 -6.14 -21.42
CA ILE A 105 -12.24 -4.79 -21.85
C ILE A 105 -10.84 -4.76 -22.47
N LEU A 106 -9.94 -5.57 -21.94
CA LEU A 106 -8.56 -5.62 -22.43
C LEU A 106 -8.45 -6.31 -23.77
N THR A 107 -9.33 -7.29 -24.01
CA THR A 107 -9.28 -8.07 -25.24
C THR A 107 -10.12 -7.45 -26.35
N TYR A 108 -10.86 -6.40 -26.04
CA TYR A 108 -11.73 -5.76 -27.03
C TYR A 108 -10.91 -4.93 -28.01
N LYS A 109 -11.27 -5.01 -29.28
CA LYS A 109 -10.59 -4.23 -30.32
C LYS A 109 -10.95 -2.76 -30.19
N LYS A 110 -9.96 -1.90 -30.42
CA LYS A 110 -10.16 -0.46 -30.27
C LYS A 110 -9.67 0.28 -31.50
N THR A 111 -10.44 0.18 -32.58
CA THR A 111 -10.11 0.80 -33.85
C THR A 111 -10.67 2.21 -33.93
N LYS A 112 -11.78 2.44 -33.26
CA LYS A 112 -12.42 3.75 -33.26
C LYS A 112 -11.54 4.79 -32.58
N GLY A 113 -10.51 4.33 -31.88
CA GLY A 113 -9.64 5.21 -31.14
C GLY A 113 -10.37 5.76 -29.93
N SER A 114 -10.14 7.03 -29.62
CA SER A 114 -10.74 7.67 -28.46
C SER A 114 -12.13 7.14 -28.13
N HIS A 115 -12.99 7.04 -29.14
CA HIS A 115 -14.40 6.70 -28.91
C HIS A 115 -14.72 5.24 -29.23
N TRP A 116 -14.02 4.31 -28.58
CA TRP A 116 -14.33 2.89 -28.71
C TRP A 116 -15.24 2.44 -27.57
N ALA A 117 -14.97 2.95 -26.37
CA ALA A 117 -15.71 2.55 -25.19
C ALA A 117 -17.01 3.32 -25.03
N THR A 118 -17.92 3.11 -25.97
CA THR A 118 -19.27 3.66 -25.87
C THR A 118 -20.01 2.89 -24.79
N PRO A 119 -21.03 3.53 -24.17
CA PRO A 119 -21.77 2.83 -23.12
C PRO A 119 -22.48 1.58 -23.65
N GLU A 120 -22.77 1.58 -24.95
CA GLU A 120 -23.44 0.45 -25.59
C GLU A 120 -22.51 -0.76 -25.63
N VAL A 121 -21.25 -0.52 -26.01
CA VAL A 121 -20.24 -1.57 -26.01
C VAL A 121 -19.99 -2.05 -24.58
N LEU A 122 -19.81 -1.10 -23.67
CA LEU A 122 -19.53 -1.43 -22.27
C LEU A 122 -20.68 -2.19 -21.64
N ALA A 123 -21.90 -1.85 -22.02
CA ALA A 123 -23.08 -2.56 -21.53
C ALA A 123 -23.18 -3.93 -22.20
N LYS A 124 -22.85 -3.98 -23.49
CA LYS A 124 -22.83 -5.23 -24.22
C LYS A 124 -21.76 -6.16 -23.65
N LEU A 125 -20.66 -5.57 -23.21
CA LEU A 125 -19.57 -6.33 -22.60
C LEU A 125 -19.93 -6.77 -21.19
N ALA A 126 -20.88 -6.07 -20.57
CA ALA A 126 -21.29 -6.37 -19.21
C ALA A 126 -22.47 -7.36 -19.16
N GLU A 127 -22.72 -8.03 -20.28
CA GLU A 127 -23.79 -9.03 -20.33
C GLU A 127 -23.26 -10.39 -19.92
N LYS A 128 -24.14 -11.23 -19.37
CA LYS A 128 -23.77 -12.60 -18.99
C LYS A 128 -22.43 -12.60 -18.29
N ILE A 129 -22.28 -11.74 -17.29
CA ILE A 129 -21.01 -11.55 -16.60
C ILE A 129 -21.10 -12.04 -15.16
N PRO A 130 -20.17 -12.92 -14.75
CA PRO A 130 -20.21 -13.54 -13.42
C PRO A 130 -20.41 -12.54 -12.29
N THR A 131 -21.27 -12.89 -11.34
CA THR A 131 -21.57 -12.02 -10.20
C THR A 131 -21.52 -12.79 -8.90
N HIS A 132 -21.67 -12.06 -7.79
CA HIS A 132 -21.71 -12.65 -6.45
C HIS A 132 -20.32 -13.13 -6.04
N GLU A 136 -28.00 -9.79 -10.55
CA GLU A 136 -27.26 -9.65 -11.80
C GLU A 136 -27.16 -8.19 -12.23
N ILE A 137 -26.12 -7.87 -12.99
CA ILE A 137 -25.86 -6.50 -13.42
C ILE A 137 -26.92 -6.00 -14.41
N ASN A 138 -27.35 -4.76 -14.22
CA ASN A 138 -28.35 -4.16 -15.09
C ASN A 138 -27.72 -3.16 -16.05
N PRO A 139 -28.06 -3.27 -17.34
CA PRO A 139 -27.56 -2.31 -18.35
C PRO A 139 -27.85 -0.85 -17.98
N LYS A 140 -29.12 -0.49 -17.86
CA LYS A 140 -29.50 0.90 -17.60
C LYS A 140 -28.80 1.46 -16.36
N GLY A 141 -28.67 0.63 -15.34
CA GLY A 141 -28.04 1.05 -14.10
C GLY A 141 -26.56 1.29 -14.29
N LEU A 142 -25.92 0.45 -15.10
CA LEU A 142 -24.50 0.59 -15.40
C LEU A 142 -24.26 1.78 -16.32
N ILE A 143 -25.10 1.92 -17.34
CA ILE A 143 -24.95 2.98 -18.31
C ILE A 143 -25.09 4.35 -17.65
N GLN A 144 -25.92 4.42 -16.61
CA GLN A 144 -26.10 5.65 -15.86
C GLN A 144 -24.87 5.90 -14.99
N CYS A 145 -24.33 4.83 -14.42
CA CYS A 145 -23.15 4.93 -13.58
C CYS A 145 -21.97 5.47 -14.39
N ILE A 146 -21.87 5.03 -15.63
CA ILE A 146 -20.81 5.46 -16.53
C ILE A 146 -20.93 6.95 -16.84
N ASN A 147 -22.12 7.40 -17.21
CA ASN A 147 -22.34 8.80 -17.56
C ASN A 147 -22.39 9.69 -16.32
N SER A 148 -22.47 9.07 -15.15
CA SER A 148 -22.42 9.81 -13.89
C SER A 148 -21.00 10.30 -13.63
N GLN A 149 -20.02 9.55 -14.13
CA GLN A 149 -18.61 9.88 -13.95
C GLN A 149 -18.30 10.06 -12.46
N ARG A 150 -18.81 9.16 -11.64
CA ARG A 150 -18.59 9.19 -10.20
C ARG A 150 -17.11 9.11 -9.85
N PHE A 151 -16.42 8.17 -10.51
CA PHE A 151 -15.08 7.78 -10.11
C PHE A 151 -13.97 8.52 -10.85
N THR A 152 -14.24 9.75 -11.27
CA THR A 152 -13.22 10.54 -11.94
C THR A 152 -12.07 10.81 -10.98
N GLU A 153 -12.40 11.35 -9.81
CA GLU A 153 -11.40 11.64 -8.79
C GLU A 153 -10.77 10.36 -8.25
N GLN A 154 -11.56 9.30 -8.18
CA GLN A 154 -11.08 8.02 -7.68
C GLN A 154 -9.94 7.51 -8.56
N LEU A 155 -10.12 7.59 -9.87
CA LEU A 155 -9.14 7.10 -10.83
C LEU A 155 -7.89 7.98 -10.84
N LYS A 156 -8.08 9.27 -10.59
CA LYS A 156 -6.95 10.19 -10.50
C LYS A 156 -6.08 9.82 -9.31
N LYS A 157 -6.72 9.44 -8.21
CA LYS A 157 -6.00 8.97 -7.04
C LYS A 157 -5.31 7.64 -7.36
N ASN A 158 -5.98 6.80 -8.15
CA ASN A 158 -5.38 5.55 -8.61
C ASN A 158 -4.12 5.81 -9.41
N ASN A 159 -4.15 6.85 -10.25
CA ASN A 159 -3.00 7.20 -11.08
C ASN A 159 -1.84 7.71 -10.25
N ILE A 160 -2.14 8.57 -9.27
CA ILE A 160 -1.12 9.07 -8.37
C ILE A 160 -0.47 7.90 -7.65
N TYR A 161 -1.30 6.98 -7.16
CA TYR A 161 -0.81 5.80 -6.46
C TYR A 161 0.09 4.96 -7.36
N GLY A 162 -0.37 4.71 -8.57
CA GLY A 162 0.38 3.90 -9.52
C GLY A 162 1.77 4.45 -9.77
N SER A 163 1.86 5.77 -9.93
CA SER A 163 3.15 6.42 -10.17
C SER A 163 4.07 6.26 -8.98
N GLN A 164 3.52 6.45 -7.77
CA GLN A 164 4.28 6.34 -6.54
C GLN A 164 5.01 5.00 -6.50
N ILE A 165 4.26 3.93 -6.69
CA ILE A 165 4.81 2.59 -6.65
C ILE A 165 5.90 2.42 -7.70
N MET A 166 5.67 2.98 -8.89
CA MET A 166 6.58 2.81 -10.01
C MET A 166 7.55 3.98 -10.15
N GLY A 167 7.48 4.93 -9.24
CA GLY A 167 8.37 6.09 -9.26
C GLY A 167 8.28 6.88 -10.56
N GLY A 168 7.07 7.01 -11.08
CA GLY A 168 6.86 7.75 -12.32
C GLY A 168 6.87 6.87 -13.55
N GLN A 169 7.42 5.66 -13.41
CA GLN A 169 7.45 4.71 -14.52
C GLN A 169 6.07 4.16 -14.76
N LEU A 170 5.31 4.85 -15.61
CA LEU A 170 3.92 4.49 -15.86
C LEU A 170 3.79 3.65 -17.12
N ALA A 171 3.82 2.34 -16.93
CA ALA A 171 3.69 1.42 -18.03
C ALA A 171 2.71 0.33 -17.63
N THR A 172 2.02 -0.22 -18.61
CA THR A 172 1.11 -1.32 -18.37
C THR A 172 1.30 -2.38 -19.45
N PRO A 173 1.13 -3.65 -19.08
CA PRO A 173 0.83 -4.05 -17.70
C PRO A 173 2.09 -4.10 -16.84
N THR A 174 1.95 -3.72 -15.58
CA THR A 174 3.04 -3.84 -14.61
C THR A 174 2.54 -4.62 -13.39
N ALA A 175 3.37 -5.53 -12.90
CA ALA A 175 2.99 -6.38 -11.77
C ALA A 175 3.99 -6.24 -10.65
N VAL A 176 3.49 -6.24 -9.42
CA VAL A 176 4.37 -6.19 -8.24
C VAL A 176 4.23 -7.47 -7.44
N VAL A 177 5.22 -8.34 -7.53
CA VAL A 177 5.22 -9.59 -6.78
C VAL A 177 6.02 -9.40 -5.50
N GLY A 178 5.31 -9.30 -4.37
CA GLY A 178 5.95 -8.98 -3.12
C GLY A 178 6.40 -7.53 -3.13
N ASP A 179 7.71 -7.31 -3.13
CA ASP A 179 8.26 -5.96 -3.25
C ASP A 179 9.06 -5.85 -4.54
N TYR A 180 8.83 -6.78 -5.47
CA TYR A 180 9.54 -6.79 -6.75
C TYR A 180 8.69 -6.17 -7.85
N LEU A 181 9.28 -5.25 -8.59
CA LEU A 181 8.58 -4.51 -9.64
C LEU A 181 8.95 -5.07 -11.02
N ILE A 182 7.93 -5.48 -11.77
CA ILE A 182 8.14 -6.11 -13.07
C ILE A 182 7.34 -5.41 -14.16
N GLU A 183 8.03 -4.86 -15.15
CA GLU A 183 7.38 -4.19 -16.27
C GLU A 183 7.08 -5.18 -17.38
N ASP A 184 5.88 -5.08 -17.96
CA ASP A 184 5.48 -5.98 -19.03
C ASP A 184 5.83 -7.42 -18.66
N PRO A 185 5.30 -7.90 -17.52
CA PRO A 185 5.65 -9.21 -16.97
C PRO A 185 5.19 -10.39 -17.83
N THR A 186 5.92 -11.49 -17.71
CA THR A 186 5.53 -12.75 -18.33
C THR A 186 5.36 -13.77 -17.22
N PHE A 187 4.76 -14.93 -17.54
CA PHE A 187 4.51 -15.93 -16.51
C PHE A 187 5.82 -16.47 -15.93
N ASP A 188 6.85 -16.54 -16.76
CA ASP A 188 8.14 -17.07 -16.33
C ASP A 188 8.81 -16.15 -15.30
N GLU A 189 8.63 -14.84 -15.45
CA GLU A 189 9.20 -13.87 -14.54
C GLU A 189 8.51 -13.93 -13.17
N ILE A 190 7.19 -13.89 -13.17
CA ILE A 190 6.42 -13.96 -11.93
C ILE A 190 6.71 -15.27 -11.22
N GLU A 191 6.72 -16.36 -11.98
CA GLU A 191 7.03 -17.67 -11.42
C GLU A 191 8.38 -17.64 -10.72
N ARG A 192 9.39 -17.11 -11.42
CA ARG A 192 10.73 -17.03 -10.85
C ARG A 192 10.73 -16.36 -9.49
N VAL A 193 9.99 -15.26 -9.37
CA VAL A 193 9.96 -14.50 -8.12
C VAL A 193 9.15 -15.23 -7.05
N ILE A 194 8.05 -15.85 -7.44
CA ILE A 194 7.22 -16.59 -6.51
C ILE A 194 8.02 -17.73 -5.88
N THR A 195 8.69 -18.52 -6.71
CA THR A 195 9.51 -19.63 -6.24
C THR A 195 10.57 -19.12 -5.27
N GLN A 196 11.14 -17.96 -5.57
CA GLN A 196 12.21 -17.40 -4.74
C GLN A 196 11.69 -16.92 -3.40
N LEU A 197 10.51 -16.31 -3.41
CA LEU A 197 9.88 -15.85 -2.18
C LEU A 197 9.44 -17.04 -1.34
N ARG A 198 8.88 -18.05 -2.00
CA ARG A 198 8.41 -19.26 -1.35
C ARG A 198 9.58 -20.02 -0.75
N HIS A 199 10.72 -19.97 -1.44
CA HIS A 199 11.95 -20.60 -0.98
C HIS A 199 12.58 -19.77 0.13
N LEU A 200 12.44 -18.46 0.01
CA LEU A 200 13.07 -17.53 0.95
C LEU A 200 12.42 -17.58 2.33
N GLN A 201 11.08 -17.61 2.37
CA GLN A 201 10.35 -17.49 3.63
C GLN A 201 10.20 -18.80 4.39
N ALA A 202 10.59 -19.91 3.77
CA ALA A 202 10.63 -21.18 4.48
C ALA A 202 11.70 -21.10 5.57
N ILE A 203 11.34 -20.45 6.67
CA ILE A 203 12.30 -20.07 7.71
C ILE A 203 13.73 -20.05 7.17
N ALA B 3 19.80 -13.37 -6.35
CA ALA B 3 20.95 -12.69 -6.89
C ALA B 3 20.55 -11.76 -8.04
N ILE B 4 20.02 -12.36 -9.11
CA ILE B 4 19.53 -11.58 -10.24
C ILE B 4 18.00 -11.56 -10.23
N MET B 5 17.45 -10.41 -9.85
CA MET B 5 16.01 -10.26 -9.72
C MET B 5 15.59 -8.90 -10.27
N PRO B 6 14.29 -8.75 -10.55
CA PRO B 6 13.79 -7.45 -11.01
C PRO B 6 14.02 -6.37 -9.96
N PRO B 7 13.96 -5.09 -10.34
CA PRO B 7 14.15 -4.00 -9.38
C PRO B 7 13.07 -4.00 -8.31
N LYS B 8 13.40 -3.52 -7.13
CA LYS B 8 12.42 -3.38 -6.05
C LYS B 8 11.50 -2.21 -6.37
N THR B 9 10.29 -2.25 -5.84
CA THR B 9 9.34 -1.16 -6.04
C THR B 9 9.96 0.12 -5.51
N HIS B 10 9.51 1.26 -6.02
CA HIS B 10 9.90 2.54 -5.48
C HIS B 10 9.29 2.68 -4.09
N ILE B 11 8.00 2.39 -4.00
CA ILE B 11 7.30 2.35 -2.73
C ILE B 11 6.38 1.13 -2.70
N PRO B 12 6.47 0.31 -1.64
CA PRO B 12 5.75 -0.96 -1.50
C PRO B 12 4.22 -0.85 -1.52
N THR B 13 3.57 -1.99 -1.74
CA THR B 13 2.12 -2.05 -1.90
C THR B 13 1.41 -2.69 -0.71
N THR B 14 2.16 -3.45 0.09
CA THR B 14 1.56 -4.15 1.24
C THR B 14 2.30 -3.81 2.53
N ALA B 15 1.55 -3.79 3.63
CA ALA B 15 2.09 -3.42 4.94
C ALA B 15 3.32 -4.25 5.29
N LYS B 16 3.33 -5.49 4.82
CA LYS B 16 4.42 -6.41 5.11
C LYS B 16 5.78 -5.76 4.91
N TYR B 17 5.88 -4.89 3.90
CA TYR B 17 7.16 -4.30 3.51
C TYR B 17 7.35 -2.88 4.03
N PHE B 18 6.58 -2.51 5.04
CA PHE B 18 6.81 -1.27 5.78
C PHE B 18 7.21 -1.66 7.19
N PRO B 19 7.89 -0.76 7.91
CA PRO B 19 8.12 -1.02 9.34
C PRO B 19 6.80 -1.25 10.07
N THR B 20 6.45 -2.52 10.27
CA THR B 20 5.13 -2.88 10.80
C THR B 20 5.22 -3.94 11.90
N ILE B 21 4.36 -3.82 12.91
CA ILE B 21 4.20 -4.87 13.91
C ILE B 21 2.76 -5.38 13.87
N GLY B 22 2.52 -6.54 14.48
CA GLY B 22 1.22 -7.18 14.42
C GLY B 22 1.10 -8.08 13.21
N ASP B 23 -0.10 -8.52 12.91
CA ASP B 23 -0.34 -9.40 11.76
C ASP B 23 -0.47 -8.58 10.49
N PRO B 24 0.44 -8.81 9.52
CA PRO B 24 0.45 -8.04 8.28
C PRO B 24 -0.76 -8.29 7.39
N TYR B 25 -1.40 -9.45 7.51
CA TYR B 25 -2.58 -9.75 6.71
C TYR B 25 -3.85 -9.19 7.33
N ALA B 26 -3.73 -8.64 8.53
CA ALA B 26 -4.89 -8.17 9.27
C ALA B 26 -5.81 -7.29 8.42
N PRO B 27 -7.12 -7.38 8.66
CA PRO B 27 -8.13 -6.63 7.90
C PRO B 27 -7.95 -5.12 7.97
N ILE B 28 -7.61 -4.60 9.14
CA ILE B 28 -7.39 -3.17 9.32
C ILE B 28 -5.91 -2.84 9.35
N ASN B 29 -5.56 -1.67 8.81
CA ASN B 29 -4.19 -1.19 8.88
C ASN B 29 -4.11 0.22 9.45
N ILE B 30 -3.45 0.34 10.60
CA ILE B 30 -3.13 1.65 11.15
C ILE B 30 -1.74 2.06 10.67
N THR B 31 -1.66 3.18 9.96
CA THR B 31 -0.38 3.69 9.48
C THR B 31 -0.11 5.06 10.09
N VAL B 32 0.93 5.14 10.91
CA VAL B 32 1.26 6.37 11.61
C VAL B 32 2.52 7.01 11.03
N PHE B 33 2.52 8.33 10.94
CA PHE B 33 3.67 9.09 10.50
C PHE B 33 4.14 9.98 11.63
N GLU B 34 5.44 9.93 11.93
CA GLU B 34 6.00 10.73 13.02
C GLU B 34 7.35 11.34 12.64
N GLU B 35 7.63 12.50 13.22
CA GLU B 35 8.87 13.22 12.95
C GLU B 35 9.72 13.18 14.21
N PRO B 36 11.01 12.87 14.06
CA PRO B 36 11.88 12.70 15.24
C PRO B 36 11.87 13.89 16.21
N SER B 37 11.39 15.04 15.78
CA SER B 37 11.46 16.24 16.61
C SER B 37 10.08 16.83 16.92
N CYS B 38 9.03 16.21 16.42
CA CYS B 38 7.68 16.74 16.62
C CYS B 38 7.33 16.76 18.10
N SER B 39 6.90 17.94 18.59
CA SER B 39 6.61 18.13 20.00
C SER B 39 5.30 17.45 20.41
N ALA B 40 4.39 17.33 19.45
CA ALA B 40 3.07 16.74 19.73
C ALA B 40 3.13 15.21 19.72
N CYS B 41 4.27 14.66 19.33
CA CYS B 41 4.43 13.21 19.23
C CYS B 41 4.85 12.58 20.56
N GLU B 42 5.37 13.38 21.47
CA GLU B 42 5.82 12.88 22.77
C GLU B 42 4.65 12.28 23.55
N GLU B 43 3.55 13.02 23.62
CA GLU B 43 2.37 12.53 24.33
C GLU B 43 1.78 11.33 23.60
N PHE B 44 1.86 11.37 22.27
CA PHE B 44 1.26 10.33 21.43
C PHE B 44 1.94 8.97 21.63
N SER B 45 3.24 8.91 21.41
CA SER B 45 3.97 7.66 21.52
C SER B 45 4.00 7.17 22.97
N SER B 46 3.85 8.10 23.90
CA SER B 46 3.93 7.77 25.32
C SER B 46 2.58 7.35 25.90
N GLU B 47 1.51 7.97 25.43
CA GLU B 47 0.18 7.74 26.01
C GLU B 47 -0.83 7.14 25.03
N VAL B 48 -0.61 7.31 23.74
CA VAL B 48 -1.57 6.87 22.73
C VAL B 48 -1.12 5.62 21.97
N PHE B 49 0.15 5.61 21.56
CA PHE B 49 0.65 4.56 20.68
C PHE B 49 0.58 3.18 21.32
N PRO B 50 0.94 3.07 22.61
CA PRO B 50 0.88 1.78 23.30
C PRO B 50 -0.53 1.22 23.37
N LEU B 51 -1.51 2.10 23.57
CA LEU B 51 -2.91 1.69 23.65
C LEU B 51 -3.37 1.14 22.32
N ILE B 52 -2.93 1.74 21.22
CA ILE B 52 -3.22 1.22 19.89
C ILE B 52 -2.69 -0.21 19.81
N LYS B 53 -1.44 -0.38 20.22
CA LYS B 53 -0.82 -1.70 20.26
C LYS B 53 -1.68 -2.68 21.03
N LYS B 54 -2.02 -2.30 22.26
CA LYS B 54 -2.70 -3.18 23.20
C LYS B 54 -4.11 -3.56 22.76
N HIS B 55 -4.86 -2.59 22.26
CA HIS B 55 -6.27 -2.80 21.98
C HIS B 55 -6.57 -3.37 20.60
N PHE B 56 -5.74 -3.03 19.62
CA PHE B 56 -6.03 -3.38 18.23
C PHE B 56 -4.96 -4.22 17.53
N VAL B 57 -3.71 -4.10 17.97
CA VAL B 57 -2.62 -4.83 17.33
C VAL B 57 -2.40 -6.18 17.98
N ASP B 58 -2.37 -6.19 19.31
CA ASP B 58 -2.14 -7.42 20.07
C ASP B 58 -3.33 -8.36 19.98
N THR B 59 -4.43 -7.88 19.41
CA THR B 59 -5.64 -8.69 19.26
C THR B 59 -5.78 -9.27 17.86
N GLY B 60 -4.87 -8.89 16.97
CA GLY B 60 -4.89 -9.38 15.61
C GLY B 60 -5.94 -8.70 14.77
N GLU B 61 -6.46 -7.59 15.27
CA GLU B 61 -7.50 -6.84 14.57
C GLU B 61 -6.90 -5.88 13.57
N ALA B 62 -5.69 -5.39 13.85
CA ALA B 62 -5.05 -4.40 12.99
C ALA B 62 -3.56 -4.62 12.87
N SER B 63 -2.99 -4.11 11.78
CA SER B 63 -1.55 -4.05 11.63
C SER B 63 -1.10 -2.62 11.88
N LEU B 64 0.01 -2.46 12.59
CA LEU B 64 0.48 -1.13 12.96
C LEU B 64 1.79 -0.79 12.27
N THR B 65 1.74 0.19 11.38
CA THR B 65 2.91 0.65 10.66
C THR B 65 3.35 2.02 11.17
N LEU B 66 4.65 2.21 11.37
CA LEU B 66 5.19 3.50 11.78
C LEU B 66 6.23 3.99 10.79
N VAL B 67 5.93 5.09 10.11
CA VAL B 67 6.82 5.62 9.08
C VAL B 67 7.51 6.89 9.56
N PRO B 68 8.85 6.95 9.41
CA PRO B 68 9.61 8.12 9.85
C PRO B 68 9.71 9.18 8.77
N VAL B 69 9.72 10.45 9.18
CA VAL B 69 9.82 11.56 8.25
C VAL B 69 10.71 12.67 8.80
N CYS B 70 11.32 13.44 7.90
CA CYS B 70 12.31 14.44 8.28
C CYS B 70 11.97 15.80 7.67
N PHE B 71 11.44 16.71 8.48
CA PHE B 71 10.98 18.00 7.97
C PHE B 71 11.63 19.21 8.62
N ILE B 72 12.15 19.05 9.83
CA ILE B 72 12.84 20.15 10.51
C ILE B 72 14.30 19.81 10.79
N ARG B 73 15.18 20.77 10.54
CA ARG B 73 16.62 20.57 10.70
C ARG B 73 16.97 19.98 12.06
N GLY B 74 17.97 19.08 12.06
CA GLY B 74 18.40 18.44 13.28
C GLY B 74 17.78 17.07 13.48
N SER B 75 16.88 16.70 12.57
CA SER B 75 16.16 15.44 12.69
C SER B 75 16.74 14.35 11.80
N MET B 76 17.48 14.73 10.76
CA MET B 76 18.01 13.75 9.82
C MET B 76 18.92 12.74 10.51
N PRO B 77 19.81 13.21 11.39
CA PRO B 77 20.67 12.25 12.10
C PRO B 77 19.84 11.20 12.85
N ALA B 78 18.81 11.65 13.55
CA ALA B 78 17.92 10.76 14.29
C ALA B 78 17.14 9.88 13.32
N ALA B 79 16.78 10.45 12.17
CA ALA B 79 16.06 9.71 11.14
C ALA B 79 16.98 8.65 10.55
N GLN B 80 18.27 8.98 10.43
CA GLN B 80 19.26 8.03 9.93
C GLN B 80 19.43 6.89 10.92
N ALA B 81 19.53 7.23 12.20
CA ALA B 81 19.73 6.25 13.25
C ALA B 81 18.56 5.27 13.32
N LEU B 82 17.35 5.79 13.13
CA LEU B 82 16.14 4.97 13.19
C LEU B 82 16.18 3.88 12.13
N LEU B 83 16.51 4.26 10.90
CA LEU B 83 16.60 3.30 9.80
C LEU B 83 17.88 2.46 9.92
N CYS B 84 18.89 3.01 10.58
CA CYS B 84 20.13 2.29 10.83
C CYS B 84 19.86 1.14 11.81
N VAL B 85 19.02 1.40 12.80
CA VAL B 85 18.64 0.38 13.77
C VAL B 85 17.61 -0.58 13.19
N TYR B 86 16.70 -0.04 12.38
CA TYR B 86 15.69 -0.86 11.72
C TYR B 86 16.35 -1.92 10.86
N HIS B 87 17.52 -1.59 10.33
CA HIS B 87 18.27 -2.50 9.48
C HIS B 87 19.57 -2.95 10.13
N HIS B 88 19.55 -3.10 11.45
CA HIS B 88 20.74 -3.51 12.18
C HIS B 88 21.15 -4.94 11.80
N ASP B 89 20.17 -5.70 11.31
CA ASP B 89 20.42 -7.08 10.90
C ASP B 89 20.12 -7.24 9.41
N PRO B 90 21.14 -7.60 8.62
CA PRO B 90 20.96 -7.76 7.17
C PRO B 90 19.93 -8.83 6.83
N LYS B 91 19.79 -9.81 7.71
CA LYS B 91 18.90 -10.94 7.47
C LYS B 91 17.44 -10.56 7.58
N ARG B 92 17.12 -9.73 8.58
CA ARG B 92 15.73 -9.41 8.89
C ARG B 92 15.61 -8.03 9.50
N PRO B 93 14.73 -7.19 8.93
CA PRO B 93 14.39 -5.93 9.60
C PRO B 93 13.52 -6.19 10.82
N ASP B 94 13.84 -5.56 11.96
CA ASP B 94 13.00 -5.70 13.14
C ASP B 94 12.37 -4.38 13.54
N PRO B 95 11.09 -4.19 13.16
CA PRO B 95 10.35 -2.97 13.49
C PRO B 95 10.25 -2.78 15.00
N GLU B 96 10.31 -3.87 15.75
CA GLU B 96 10.12 -3.82 17.19
C GLU B 96 11.22 -3.01 17.86
N ALA B 97 12.45 -3.20 17.40
CA ALA B 97 13.59 -2.43 17.91
C ALA B 97 13.52 -1.01 17.37
N TYR B 98 13.13 -0.89 16.10
CA TYR B 98 13.07 0.41 15.44
C TYR B 98 12.03 1.33 16.07
N MET B 99 10.92 0.76 16.52
CA MET B 99 9.85 1.55 17.13
C MET B 99 10.21 1.98 18.54
N GLU B 100 10.68 1.04 19.35
CA GLU B 100 11.07 1.33 20.72
C GLU B 100 12.17 2.39 20.72
N TYR B 101 13.04 2.32 19.70
CA TYR B 101 14.08 3.31 19.51
C TYR B 101 13.44 4.66 19.19
N PHE B 102 12.43 4.63 18.33
CA PHE B 102 11.70 5.84 17.95
C PHE B 102 11.06 6.44 19.19
N HIS B 103 10.26 5.64 19.88
CA HIS B 103 9.60 6.09 21.11
C HIS B 103 10.58 6.76 22.06
N ARG B 104 11.74 6.13 22.24
CA ARG B 104 12.77 6.67 23.11
C ARG B 104 13.26 8.04 22.62
N ILE B 105 13.25 8.22 21.30
CA ILE B 105 13.66 9.48 20.70
C ILE B 105 12.59 10.55 20.88
N LEU B 106 11.33 10.16 20.74
CA LEU B 106 10.20 11.08 20.85
C LEU B 106 10.04 11.61 22.27
N THR B 107 10.44 10.80 23.27
CA THR B 107 10.27 11.17 24.66
C THR B 107 11.52 11.83 25.24
N TYR B 108 12.58 11.89 24.42
CA TYR B 108 13.79 12.59 24.80
C TYR B 108 13.53 14.09 24.84
N LYS B 109 14.13 14.78 25.80
CA LYS B 109 13.95 16.22 25.92
C LYS B 109 14.15 16.91 24.58
N SER B 114 17.78 22.08 18.90
CA SER B 114 17.82 21.93 17.45
C SER B 114 19.15 21.33 17.00
N HIS B 115 20.15 21.38 17.89
CA HIS B 115 21.43 20.71 17.65
C HIS B 115 21.48 19.45 18.51
N TRP B 116 20.30 18.91 18.82
CA TRP B 116 20.16 17.85 19.80
C TRP B 116 20.64 16.49 19.31
N ALA B 117 20.35 16.19 18.04
CA ALA B 117 20.63 14.85 17.51
C ALA B 117 22.11 14.63 17.25
N THR B 118 22.82 14.14 18.27
CA THR B 118 24.22 13.76 18.11
C THR B 118 24.35 12.25 18.31
N PRO B 119 25.24 11.62 17.53
CA PRO B 119 25.50 10.18 17.63
C PRO B 119 25.64 9.67 19.07
N GLU B 120 26.32 10.43 19.92
CA GLU B 120 26.48 10.04 21.32
C GLU B 120 25.12 9.94 22.00
N VAL B 121 24.28 10.94 21.78
CA VAL B 121 22.93 10.96 22.34
C VAL B 121 22.07 9.89 21.66
N LEU B 122 22.26 9.74 20.35
CA LEU B 122 21.53 8.75 19.58
C LEU B 122 21.99 7.34 19.93
N ALA B 123 23.26 7.21 20.28
CA ALA B 123 23.83 5.91 20.60
C ALA B 123 23.41 5.48 22.01
N LYS B 124 23.36 6.43 22.93
CA LYS B 124 22.97 6.14 24.30
C LYS B 124 21.53 5.66 24.35
N LEU B 125 20.67 6.32 23.58
CA LEU B 125 19.26 5.95 23.50
C LEU B 125 19.09 4.56 22.87
N ALA B 126 20.05 4.18 22.04
CA ALA B 126 19.97 2.91 21.31
C ALA B 126 20.37 1.72 22.17
N GLU B 127 20.94 1.99 23.35
CA GLU B 127 21.42 0.94 24.23
C GLU B 127 20.28 0.12 24.83
N LYS B 128 20.55 -1.13 25.15
CA LYS B 128 19.58 -2.00 25.79
C LYS B 128 18.33 -2.25 24.94
N ILE B 129 18.40 -1.89 23.66
CA ILE B 129 17.25 -2.03 22.77
C ILE B 129 16.98 -3.50 22.44
N PRO B 130 15.72 -3.94 22.58
CA PRO B 130 15.35 -5.34 22.34
C PRO B 130 15.38 -5.70 20.86
N THR B 131 16.22 -6.68 20.51
CA THR B 131 16.31 -7.15 19.14
C THR B 131 16.24 -8.67 19.10
N HIS B 132 15.76 -9.20 17.98
CA HIS B 132 15.60 -10.64 17.83
C HIS B 132 16.91 -11.30 17.44
N ARG B 135 23.45 -10.07 16.70
CA ARG B 135 22.22 -10.28 17.45
C ARG B 135 22.11 -9.28 18.61
N GLU B 136 22.77 -8.14 18.45
CA GLU B 136 22.64 -7.00 19.36
C GLU B 136 23.09 -5.76 18.60
N ILE B 137 22.78 -4.58 19.13
CA ILE B 137 23.08 -3.35 18.42
C ILE B 137 24.31 -2.65 19.00
N ASN B 138 25.32 -2.48 18.15
CA ASN B 138 26.59 -1.88 18.57
C ASN B 138 26.61 -0.36 18.34
N PRO B 139 27.08 0.40 19.35
CA PRO B 139 27.17 1.85 19.22
C PRO B 139 28.04 2.28 18.04
N LYS B 140 29.25 1.74 17.94
CA LYS B 140 30.18 2.16 16.89
C LYS B 140 29.64 1.90 15.49
N GLY B 141 28.91 0.81 15.32
CA GLY B 141 28.28 0.51 14.05
C GLY B 141 27.15 1.48 13.79
N LEU B 142 26.40 1.82 14.83
CA LEU B 142 25.29 2.74 14.73
C LEU B 142 25.79 4.15 14.41
N ILE B 143 26.84 4.58 15.09
CA ILE B 143 27.42 5.89 14.86
C ILE B 143 27.98 5.99 13.44
N GLN B 144 28.55 4.89 12.96
CA GLN B 144 29.12 4.86 11.62
C GLN B 144 28.02 4.96 10.58
N CYS B 145 26.88 4.32 10.88
CA CYS B 145 25.75 4.29 9.95
C CYS B 145 25.05 5.64 9.90
N ILE B 146 25.09 6.37 11.01
CA ILE B 146 24.50 7.70 11.06
C ILE B 146 25.31 8.68 10.22
N ASN B 147 26.62 8.69 10.43
CA ASN B 147 27.51 9.58 9.69
C ASN B 147 27.52 9.25 8.20
N SER B 148 27.28 7.99 7.87
CA SER B 148 27.27 7.54 6.48
C SER B 148 26.12 8.15 5.70
N GLN B 149 25.04 8.50 6.40
CA GLN B 149 23.85 9.05 5.77
C GLN B 149 23.34 8.11 4.68
N ARG B 150 23.27 6.82 5.01
CA ARG B 150 22.78 5.80 4.10
C ARG B 150 21.37 6.09 3.59
N PHE B 151 20.50 6.54 4.50
CA PHE B 151 19.07 6.56 4.24
C PHE B 151 18.51 7.95 3.97
N THR B 152 19.28 8.79 3.29
CA THR B 152 18.80 10.12 2.91
C THR B 152 17.74 10.03 1.83
N GLU B 153 17.99 9.20 0.82
CA GLU B 153 17.06 9.04 -0.28
C GLU B 153 15.79 8.32 0.16
N GLN B 154 15.95 7.39 1.10
CA GLN B 154 14.82 6.65 1.65
C GLN B 154 13.85 7.60 2.35
N LEU B 155 14.40 8.46 3.21
CA LEU B 155 13.59 9.42 3.96
C LEU B 155 12.88 10.40 3.02
N LYS B 156 13.44 10.62 1.83
CA LYS B 156 12.79 11.46 0.84
C LYS B 156 11.57 10.75 0.27
N LYS B 157 11.68 9.43 0.10
CA LYS B 157 10.53 8.63 -0.32
C LYS B 157 9.42 8.74 0.71
N ASN B 158 9.82 8.69 1.98
CA ASN B 158 8.87 8.75 3.08
C ASN B 158 8.16 10.09 3.15
N ASN B 159 8.92 11.16 2.95
CA ASN B 159 8.34 12.51 2.96
C ASN B 159 7.34 12.68 1.83
N ILE B 160 7.71 12.21 0.64
CA ILE B 160 6.85 12.30 -0.53
C ILE B 160 5.68 11.33 -0.40
N TYR B 161 5.94 10.17 0.21
CA TYR B 161 4.91 9.17 0.43
C TYR B 161 3.86 9.70 1.40
N GLY B 162 4.31 10.15 2.57
CA GLY B 162 3.42 10.69 3.58
C GLY B 162 2.70 11.95 3.11
N SER B 163 3.37 12.72 2.25
CA SER B 163 2.76 13.93 1.70
C SER B 163 1.59 13.58 0.79
N GLN B 164 1.89 12.82 -0.27
CA GLN B 164 0.87 12.41 -1.23
C GLN B 164 -0.28 11.70 -0.53
N ILE B 165 0.05 11.00 0.56
CA ILE B 165 -0.96 10.33 1.38
C ILE B 165 -1.89 11.33 2.03
N MET B 166 -1.32 12.38 2.61
CA MET B 166 -2.09 13.35 3.38
C MET B 166 -2.50 14.57 2.56
N GLY B 167 -2.24 14.54 1.25
CA GLY B 167 -2.58 15.65 0.39
C GLY B 167 -1.87 16.94 0.78
N GLY B 168 -0.68 16.82 1.34
CA GLY B 168 0.10 17.98 1.72
C GLY B 168 0.02 18.30 3.20
N GLN B 169 -0.88 17.63 3.92
CA GLN B 169 -0.99 17.82 5.36
C GLN B 169 0.23 17.22 6.05
N LEU B 170 1.40 17.76 5.80
CA LEU B 170 2.62 17.20 6.35
C LEU B 170 2.86 17.68 7.77
N ALA B 171 2.05 17.15 8.69
CA ALA B 171 2.19 17.44 10.10
C ALA B 171 2.11 16.14 10.89
N THR B 172 2.76 16.11 12.04
CA THR B 172 2.82 14.91 12.86
C THR B 172 2.51 15.23 14.31
N PRO B 173 1.98 14.25 15.06
CA PRO B 173 1.70 12.91 14.55
C PRO B 173 0.43 12.84 13.72
N THR B 174 0.42 11.99 12.71
CA THR B 174 -0.77 11.76 11.90
C THR B 174 -0.95 10.26 11.70
N ALA B 175 -2.09 9.75 12.14
CA ALA B 175 -2.37 8.31 12.04
C ALA B 175 -3.45 8.05 11.01
N VAL B 176 -3.29 6.97 10.27
CA VAL B 176 -4.23 6.60 9.22
C VAL B 176 -4.86 5.25 9.52
N VAL B 177 -6.16 5.27 9.83
CA VAL B 177 -6.90 4.05 10.12
C VAL B 177 -7.80 3.71 8.94
N GLY B 178 -7.52 2.58 8.30
CA GLY B 178 -8.21 2.24 7.07
C GLY B 178 -7.91 3.29 6.01
N ASP B 179 -8.94 3.97 5.53
CA ASP B 179 -8.77 5.06 4.58
C ASP B 179 -9.00 6.41 5.24
N TYR B 180 -9.05 6.43 6.57
CA TYR B 180 -9.35 7.66 7.30
C TYR B 180 -8.09 8.33 7.83
N LEU B 181 -8.08 9.67 7.76
CA LEU B 181 -6.91 10.45 8.10
C LEU B 181 -7.15 11.30 9.33
N ILE B 182 -6.42 11.03 10.40
CA ILE B 182 -6.62 11.72 11.67
C ILE B 182 -5.35 12.46 12.10
N GLU B 183 -5.35 13.78 11.92
CA GLU B 183 -4.27 14.60 12.42
C GLU B 183 -4.30 14.62 13.94
N ASP B 184 -3.14 14.82 14.55
CA ASP B 184 -3.06 14.96 16.01
C ASP B 184 -3.98 13.96 16.69
N PRO B 185 -3.87 12.68 16.32
CA PRO B 185 -4.81 11.65 16.73
C PRO B 185 -4.84 11.41 18.24
N THR B 186 -6.01 11.04 18.74
CA THR B 186 -6.17 10.60 20.12
C THR B 186 -6.67 9.17 20.07
N PHE B 187 -6.70 8.48 21.22
CA PHE B 187 -7.17 7.10 21.24
C PHE B 187 -8.66 7.01 20.98
N ASP B 188 -9.41 8.01 21.44
CA ASP B 188 -10.86 8.02 21.24
C ASP B 188 -11.18 8.17 19.76
N GLU B 189 -10.46 9.05 19.09
CA GLU B 189 -10.63 9.25 17.64
C GLU B 189 -10.34 7.96 16.88
N ILE B 190 -9.25 7.29 17.25
CA ILE B 190 -8.84 6.07 16.57
C ILE B 190 -9.83 4.94 16.83
N GLU B 191 -10.31 4.86 18.06
CA GLU B 191 -11.28 3.84 18.44
C GLU B 191 -12.62 4.10 17.76
N ARG B 192 -13.00 5.37 17.69
CA ARG B 192 -14.28 5.75 17.11
C ARG B 192 -14.31 5.42 15.62
N VAL B 193 -13.15 5.48 14.97
CA VAL B 193 -13.06 5.19 13.55
C VAL B 193 -13.04 3.68 13.32
N ILE B 194 -12.43 2.95 14.25
CA ILE B 194 -12.42 1.48 14.17
C ILE B 194 -13.84 0.95 14.33
N THR B 195 -14.59 1.52 15.28
CA THR B 195 -15.98 1.12 15.48
C THR B 195 -16.76 1.20 14.18
N GLN B 196 -16.42 2.19 13.35
CA GLN B 196 -17.07 2.36 12.06
C GLN B 196 -16.59 1.29 11.08
N LEU B 197 -15.29 0.99 11.14
CA LEU B 197 -14.70 0.00 10.26
C LEU B 197 -15.20 -1.40 10.58
N ARG B 198 -15.34 -1.72 11.87
CA ARG B 198 -15.89 -3.00 12.28
C ARG B 198 -17.33 -3.10 11.78
N HIS B 199 -18.02 -1.96 11.80
CA HIS B 199 -19.41 -1.88 11.38
C HIS B 199 -19.54 -2.12 9.88
N LEU B 200 -18.65 -1.52 9.10
CA LEU B 200 -18.66 -1.71 7.65
C LEU B 200 -18.26 -3.14 7.30
N GLN B 201 -17.33 -3.71 8.06
CA GLN B 201 -16.95 -5.11 7.89
C GLN B 201 -18.15 -6.01 8.15
N ALA B 202 -18.92 -5.66 9.18
CA ALA B 202 -20.12 -6.41 9.55
C ALA B 202 -21.16 -6.34 8.44
N ILE B 203 -20.98 -5.38 7.53
CA ILE B 203 -21.87 -5.24 6.38
C ILE B 203 -21.24 -5.86 5.14
#